data_1AN7
#
_entry.id   1AN7
#
_cell.length_a   67.860
_cell.length_b   67.860
_cell.length_c   174.090
_cell.angle_alpha   90.00
_cell.angle_beta   90.00
_cell.angle_gamma   90.00
#
_symmetry.space_group_name_H-M   'P 41 21 2'
#
_entity_poly.entity_id   1
_entity_poly.type   'polypeptide(L)'
_entity_poly.pdbx_seq_one_letter_code
;TDPIADMLTRIRNATRVYKESTDVPASRFKEEILRILAREGFIKGYERVDVDGKPYLRVYLKYGPRRQGPDPRPEQVIHH
IRRISKPGRRVYVGVKEIPRVRRGLGIAILSTSKGVLTDREARKLGVGGELICEVW
;
_entity_poly.pdbx_strand_id   A,B
#
# COMPACT_ATOMS: atom_id res chain seq x y z
N THR A 1 0.62 21.59 -20.61
CA THR A 1 0.01 20.28 -20.56
C THR A 1 1.02 19.46 -19.78
N ASP A 2 0.59 18.45 -19.06
CA ASP A 2 1.55 17.57 -18.47
C ASP A 2 1.00 16.24 -18.90
N PRO A 3 1.44 15.68 -20.03
CA PRO A 3 1.15 14.31 -20.47
C PRO A 3 1.22 13.19 -19.42
N ILE A 4 2.33 13.17 -18.67
CA ILE A 4 2.53 12.22 -17.61
C ILE A 4 1.43 12.37 -16.58
N ALA A 5 1.01 13.54 -16.12
CA ALA A 5 -0.08 13.60 -15.14
C ALA A 5 -1.36 13.14 -15.75
N ASP A 6 -1.51 13.46 -17.03
CA ASP A 6 -2.69 13.07 -17.73
C ASP A 6 -2.75 11.57 -17.93
N MET A 7 -1.65 10.86 -18.15
CA MET A 7 -1.69 9.40 -18.18
C MET A 7 -2.15 8.85 -16.82
N LEU A 8 -1.49 9.27 -15.71
CA LEU A 8 -1.73 8.78 -14.34
C LEU A 8 -3.12 9.02 -13.85
N THR A 9 -3.72 10.13 -14.25
CA THR A 9 -5.12 10.37 -13.99
C THR A 9 -5.89 9.39 -14.83
N ARG A 10 -5.64 9.21 -16.13
CA ARG A 10 -6.41 8.26 -16.95
C ARG A 10 -6.38 6.87 -16.39
N ILE A 11 -5.23 6.40 -15.90
CA ILE A 11 -5.08 5.14 -15.22
C ILE A 11 -5.91 5.12 -13.92
N ARG A 12 -5.65 5.94 -12.90
CA ARG A 12 -6.39 5.98 -11.63
C ARG A 12 -7.89 6.04 -11.90
N ASN A 13 -8.35 6.87 -12.83
CA ASN A 13 -9.78 6.92 -13.12
C ASN A 13 -10.38 5.70 -13.74
N ALA A 14 -9.64 4.97 -14.58
CA ALA A 14 -10.16 3.73 -15.09
C ALA A 14 -10.23 2.74 -13.93
N THR A 15 -9.28 2.66 -12.96
CA THR A 15 -9.43 1.65 -11.90
C THR A 15 -10.62 1.93 -11.02
N ARG A 16 -10.88 3.20 -10.78
CA ARG A 16 -12.00 3.57 -9.95
C ARG A 16 -13.28 3.12 -10.57
N VAL A 17 -13.36 2.75 -11.82
CA VAL A 17 -14.64 2.28 -12.30
C VAL A 17 -14.47 0.89 -12.89
N TYR A 18 -13.53 0.14 -12.30
CA TYR A 18 -13.18 -1.23 -12.66
C TYR A 18 -13.07 -1.65 -14.14
N LYS A 19 -12.45 -0.79 -14.98
CA LYS A 19 -12.22 -1.04 -16.40
C LYS A 19 -11.09 -2.02 -16.63
N GLU A 20 -11.19 -2.76 -17.75
CA GLU A 20 -10.15 -3.72 -18.10
C GLU A 20 -8.94 -2.97 -18.65
N SER A 21 -9.09 -1.81 -19.31
CA SER A 21 -7.94 -1.16 -19.92
C SER A 21 -8.25 0.28 -20.21
N THR A 22 -7.17 0.98 -20.57
CA THR A 22 -7.21 2.37 -20.93
C THR A 22 -6.02 2.67 -21.84
N ASP A 23 -6.32 3.51 -22.83
CA ASP A 23 -5.39 3.88 -23.90
C ASP A 23 -4.92 5.30 -23.71
N VAL A 24 -3.61 5.48 -23.55
CA VAL A 24 -3.08 6.81 -23.48
C VAL A 24 -2.21 6.97 -24.69
N PRO A 25 -2.12 8.18 -25.26
CA PRO A 25 -1.33 8.49 -26.47
C PRO A 25 0.09 8.00 -26.28
N ALA A 26 0.69 7.36 -27.28
CA ALA A 26 1.95 6.67 -27.10
C ALA A 26 3.09 7.60 -26.96
N SER A 27 4.17 7.27 -26.22
CA SER A 27 5.39 8.09 -26.09
C SER A 27 6.45 7.21 -25.51
N ARG A 28 7.75 7.43 -25.71
CA ARG A 28 8.77 6.49 -25.21
C ARG A 28 8.84 6.56 -23.70
N PHE A 29 8.72 7.79 -23.21
CA PHE A 29 8.80 8.10 -21.79
C PHE A 29 7.59 7.53 -21.05
N LYS A 30 6.38 7.68 -21.62
CA LYS A 30 5.23 7.06 -20.99
C LYS A 30 5.45 5.54 -21.04
N GLU A 31 6.01 4.94 -22.11
CA GLU A 31 6.19 3.50 -22.23
C GLU A 31 7.11 2.92 -21.19
N GLU A 32 8.17 3.63 -20.84
CA GLU A 32 9.03 3.24 -19.74
C GLU A 32 8.36 3.42 -18.38
N ILE A 33 7.44 4.37 -18.12
CA ILE A 33 6.84 4.45 -16.78
C ILE A 33 5.91 3.23 -16.69
N LEU A 34 5.23 2.86 -17.79
CA LEU A 34 4.38 1.69 -17.86
C LEU A 34 5.16 0.42 -17.73
N ARG A 35 6.36 0.41 -18.28
CA ARG A 35 7.26 -0.72 -18.12
C ARG A 35 7.56 -0.96 -16.63
N ILE A 36 7.66 0.07 -15.77
CA ILE A 36 7.95 -0.10 -14.34
C ILE A 36 6.69 -0.43 -13.55
N LEU A 37 5.57 0.23 -13.84
CA LEU A 37 4.30 -0.09 -13.18
C LEU A 37 3.97 -1.59 -13.42
N ALA A 38 4.17 -2.09 -14.64
CA ALA A 38 3.94 -3.49 -14.96
C ALA A 38 4.88 -4.43 -14.21
N ARG A 39 6.22 -4.29 -14.29
CA ARG A 39 7.17 -5.07 -13.49
C ARG A 39 6.89 -5.03 -11.98
N GLU A 40 6.40 -3.94 -11.41
CA GLU A 40 6.18 -3.84 -9.97
C GLU A 40 4.79 -4.31 -9.54
N GLY A 41 3.94 -4.73 -10.47
CA GLY A 41 2.66 -5.28 -10.12
C GLY A 41 1.52 -4.31 -10.10
N PHE A 42 1.63 -3.05 -10.55
CA PHE A 42 0.47 -2.16 -10.46
C PHE A 42 -0.51 -2.24 -11.62
N ILE A 43 -0.01 -2.77 -12.73
CA ILE A 43 -0.85 -3.01 -13.86
C ILE A 43 -0.52 -4.42 -14.31
N LYS A 44 -1.32 -5.00 -15.21
CA LYS A 44 -1.13 -6.35 -15.76
C LYS A 44 -0.08 -6.17 -16.82
N GLY A 45 -0.25 -5.20 -17.73
CA GLY A 45 0.79 -4.90 -18.74
C GLY A 45 0.25 -3.87 -19.70
N TYR A 46 0.95 -3.62 -20.80
CA TYR A 46 0.50 -2.66 -21.80
C TYR A 46 0.81 -3.19 -23.17
N GLU A 47 0.30 -2.55 -24.20
CA GLU A 47 0.53 -3.06 -25.53
C GLU A 47 0.40 -1.89 -26.45
N ARG A 48 1.28 -1.74 -27.42
CA ARG A 48 1.18 -0.65 -28.35
C ARG A 48 -0.05 -0.84 -29.27
N VAL A 49 -0.76 0.18 -29.69
CA VAL A 49 -1.99 0.04 -30.44
C VAL A 49 -2.07 1.22 -31.39
N ASP A 50 -2.24 1.01 -32.70
CA ASP A 50 -2.41 2.09 -33.64
C ASP A 50 -3.85 2.06 -33.96
N VAL A 51 -4.46 3.19 -33.75
CA VAL A 51 -5.87 3.29 -33.99
C VAL A 51 -5.90 4.41 -35.01
N ASP A 52 -6.34 4.09 -36.23
CA ASP A 52 -6.42 4.98 -37.38
C ASP A 52 -5.19 5.84 -37.59
N GLY A 53 -3.99 5.26 -37.43
CA GLY A 53 -2.75 5.99 -37.69
C GLY A 53 -2.08 6.54 -36.45
N LYS A 54 -2.87 6.83 -35.42
CA LYS A 54 -2.33 7.41 -34.22
C LYS A 54 -1.87 6.25 -33.38
N PRO A 55 -0.67 6.36 -32.82
CA PRO A 55 -0.13 5.52 -31.77
C PRO A 55 -0.67 5.78 -30.41
N TYR A 56 -1.10 4.70 -29.80
CA TYR A 56 -1.58 4.67 -28.44
C TYR A 56 -0.80 3.56 -27.77
N LEU A 57 -0.98 3.56 -26.45
CA LEU A 57 -0.45 2.56 -25.53
C LEU A 57 -1.69 2.15 -24.71
N ARG A 58 -2.02 0.86 -24.79
CA ARG A 58 -3.16 0.30 -24.11
C ARG A 58 -2.62 -0.43 -22.92
N VAL A 59 -3.10 0.07 -21.79
CA VAL A 59 -2.74 -0.32 -20.44
C VAL A 59 -3.73 -1.36 -20.00
N TYR A 60 -3.34 -2.49 -19.43
CA TYR A 60 -4.29 -3.51 -19.03
C TYR A 60 -4.20 -3.43 -17.52
N LEU A 61 -5.32 -2.99 -16.96
CA LEU A 61 -5.48 -2.76 -15.56
C LEU A 61 -5.58 -4.04 -14.76
N LYS A 62 -5.08 -4.03 -13.51
CA LYS A 62 -5.02 -5.19 -12.63
C LYS A 62 -5.88 -5.02 -11.40
N TYR A 63 -6.61 -6.06 -11.01
CA TYR A 63 -7.40 -5.90 -9.81
C TYR A 63 -7.04 -7.05 -8.85
N GLY A 64 -7.12 -6.77 -7.56
CA GLY A 64 -6.77 -7.74 -6.56
C GLY A 64 -8.01 -8.54 -6.18
N PRO A 65 -7.94 -9.30 -5.08
CA PRO A 65 -8.90 -10.35 -4.75
C PRO A 65 -10.27 -9.82 -4.40
N ARG A 66 -11.27 -10.69 -4.49
CA ARG A 66 -12.64 -10.35 -4.12
C ARG A 66 -12.65 -9.95 -2.67
N ARG A 67 -13.61 -9.10 -2.40
CA ARG A 67 -13.67 -8.62 -1.07
C ARG A 67 -14.34 -9.60 -0.12
N GLN A 68 -13.69 -9.49 1.02
CA GLN A 68 -13.95 -10.20 2.27
C GLN A 68 -15.44 -10.13 2.71
N GLY A 69 -16.34 -10.82 1.97
CA GLY A 69 -17.79 -10.85 2.22
C GLY A 69 -18.58 -10.24 1.03
N PRO A 70 -19.79 -10.69 0.56
CA PRO A 70 -20.54 -10.15 -0.59
C PRO A 70 -20.72 -8.67 -0.85
N ASP A 71 -19.59 -8.30 -1.43
CA ASP A 71 -19.27 -7.02 -1.99
C ASP A 71 -18.55 -7.49 -3.26
N PRO A 72 -19.00 -7.12 -4.48
CA PRO A 72 -18.54 -7.70 -5.75
C PRO A 72 -17.21 -7.14 -6.17
N ARG A 73 -17.11 -5.84 -5.80
CA ARG A 73 -15.93 -5.05 -6.10
C ARG A 73 -14.63 -5.70 -5.68
N PRO A 74 -13.65 -5.89 -6.56
CA PRO A 74 -12.34 -6.38 -6.17
C PRO A 74 -11.67 -5.32 -5.36
N GLU A 75 -10.71 -5.86 -4.70
CA GLU A 75 -9.83 -5.02 -3.96
C GLU A 75 -8.94 -4.48 -5.09
N GLN A 76 -8.70 -3.18 -5.05
CA GLN A 76 -7.77 -2.47 -5.93
C GLN A 76 -6.30 -2.86 -5.82
N VAL A 77 -5.43 -2.63 -6.82
CA VAL A 77 -3.96 -2.75 -6.64
C VAL A 77 -3.25 -1.37 -6.58
N ILE A 78 -3.68 -0.38 -7.37
CA ILE A 78 -3.09 0.95 -7.36
C ILE A 78 -3.93 1.64 -6.37
N HIS A 79 -3.40 1.94 -5.21
CA HIS A 79 -4.20 2.67 -4.25
C HIS A 79 -4.02 4.18 -4.42
N HIS A 80 -2.80 4.63 -4.71
CA HIS A 80 -2.44 6.05 -4.80
C HIS A 80 -1.44 6.19 -5.91
N ILE A 81 -1.65 7.02 -6.92
CA ILE A 81 -0.69 7.20 -8.01
C ILE A 81 -0.63 8.74 -8.11
N ARG A 82 0.50 9.43 -7.91
CA ARG A 82 0.50 10.90 -8.03
C ARG A 82 1.77 11.60 -8.44
N ARG A 83 1.67 12.66 -9.27
CA ARG A 83 2.84 13.40 -9.77
C ARG A 83 3.51 14.19 -8.67
N ILE A 84 4.80 14.35 -8.81
CA ILE A 84 5.51 15.19 -7.86
C ILE A 84 6.15 16.35 -8.65
N SER A 85 7.18 16.05 -9.43
CA SER A 85 7.82 16.97 -10.33
C SER A 85 6.80 17.40 -11.36
N LYS A 86 6.88 18.62 -11.94
CA LYS A 86 6.01 19.02 -13.05
C LYS A 86 6.27 20.36 -13.71
N PRO A 87 5.84 20.64 -14.95
CA PRO A 87 5.55 21.97 -15.44
C PRO A 87 5.39 23.10 -14.44
N GLY A 88 6.52 23.74 -14.24
CA GLY A 88 6.40 24.99 -13.54
C GLY A 88 6.94 24.88 -12.16
N ARG A 89 6.82 23.68 -11.60
CA ARG A 89 7.31 23.44 -10.30
C ARG A 89 7.94 22.03 -10.40
N ARG A 90 9.20 21.94 -10.81
CA ARG A 90 10.00 20.73 -10.95
C ARG A 90 10.61 20.29 -9.63
N VAL A 91 10.88 18.98 -9.38
CA VAL A 91 11.56 18.43 -8.19
C VAL A 91 12.63 17.42 -8.56
N TYR A 92 13.85 17.76 -8.13
CA TYR A 92 15.01 16.96 -8.38
C TYR A 92 15.54 16.62 -7.02
N VAL A 93 16.20 15.48 -6.94
CA VAL A 93 16.79 14.94 -5.73
C VAL A 93 18.04 14.22 -6.18
N GLY A 94 19.06 14.16 -5.32
CA GLY A 94 20.31 13.52 -5.65
C GLY A 94 20.31 12.16 -4.99
N VAL A 95 21.28 11.26 -5.24
CA VAL A 95 21.32 9.91 -4.68
C VAL A 95 21.13 9.82 -3.17
N LYS A 96 21.73 10.73 -2.41
CA LYS A 96 21.60 10.77 -0.95
C LYS A 96 20.21 11.24 -0.49
N GLU A 97 19.53 12.02 -1.33
CA GLU A 97 18.28 12.62 -0.94
C GLU A 97 17.04 11.81 -1.37
N ILE A 98 17.13 10.64 -2.02
CA ILE A 98 15.95 9.91 -2.47
C ILE A 98 15.13 9.46 -1.26
N PRO A 99 13.93 9.92 -1.10
CA PRO A 99 13.05 9.55 -0.01
C PRO A 99 12.58 8.10 -0.04
N ARG A 100 12.29 7.59 1.15
CA ARG A 100 11.66 6.29 1.20
C ARG A 100 10.21 6.72 1.17
N VAL A 101 9.46 6.26 0.19
CA VAL A 101 8.06 6.64 0.08
C VAL A 101 7.26 5.76 1.03
N ARG A 102 6.24 6.32 1.68
CA ARG A 102 5.34 5.65 2.62
C ARG A 102 6.03 4.58 3.46
N ARG A 103 7.06 5.01 4.18
CA ARG A 103 7.82 4.15 5.08
C ARG A 103 8.40 2.88 4.47
N GLY A 104 8.62 2.82 3.16
CA GLY A 104 9.13 1.62 2.49
C GLY A 104 7.99 0.85 1.82
N LEU A 105 6.75 1.20 2.09
CA LEU A 105 5.60 0.53 1.54
C LEU A 105 5.00 1.18 0.31
N GLY A 106 5.82 1.89 -0.47
CA GLY A 106 5.40 2.59 -1.68
C GLY A 106 6.62 2.75 -2.58
N ILE A 107 6.48 3.06 -3.87
CA ILE A 107 7.61 3.27 -4.75
C ILE A 107 7.49 4.66 -5.38
N ALA A 108 8.64 5.22 -5.70
CA ALA A 108 8.71 6.51 -6.35
C ALA A 108 9.48 6.24 -7.62
N ILE A 109 9.02 6.76 -8.75
CA ILE A 109 9.71 6.64 -10.04
C ILE A 109 10.50 7.96 -10.26
N LEU A 110 11.76 7.81 -10.61
CA LEU A 110 12.68 8.87 -10.83
C LEU A 110 13.11 8.84 -12.29
N SER A 111 13.29 9.96 -12.99
CA SER A 111 13.88 9.95 -14.34
C SER A 111 15.38 10.24 -14.12
N THR A 112 16.34 9.37 -14.40
CA THR A 112 17.70 9.63 -14.00
C THR A 112 18.50 9.48 -15.24
N SER A 113 19.79 9.73 -15.07
CA SER A 113 20.78 9.66 -16.12
C SER A 113 20.90 8.27 -16.66
N LYS A 114 20.62 7.29 -15.82
CA LYS A 114 20.67 5.91 -16.25
C LYS A 114 19.26 5.44 -16.59
N GLY A 115 18.34 6.38 -16.93
CA GLY A 115 16.97 6.09 -17.35
C GLY A 115 15.92 6.14 -16.25
N VAL A 116 14.70 5.67 -16.53
CA VAL A 116 13.61 5.67 -15.57
C VAL A 116 13.85 4.45 -14.71
N LEU A 117 13.96 4.69 -13.42
CA LEU A 117 14.36 3.74 -12.41
C LEU A 117 13.44 3.92 -11.23
N THR A 118 13.29 2.96 -10.29
CA THR A 118 12.54 3.15 -9.07
C THR A 118 13.50 3.73 -8.12
N ASP A 119 13.06 4.27 -7.01
CA ASP A 119 13.99 4.82 -6.04
C ASP A 119 14.93 3.80 -5.48
N ARG A 120 14.47 2.55 -5.41
CA ARG A 120 15.31 1.48 -4.92
C ARG A 120 16.34 1.23 -6.00
N GLU A 121 16.00 1.26 -7.29
CA GLU A 121 17.04 1.03 -8.30
C GLU A 121 18.03 2.19 -8.35
N ALA A 122 17.53 3.42 -8.32
CA ALA A 122 18.31 4.64 -8.42
C ALA A 122 19.43 4.62 -7.41
N ARG A 123 19.02 4.40 -6.16
CA ARG A 123 19.94 4.34 -5.01
C ARG A 123 21.05 3.33 -5.20
N LYS A 124 20.70 2.26 -5.90
CA LYS A 124 21.62 1.17 -6.14
C LYS A 124 22.57 1.57 -7.23
N LEU A 125 22.11 2.25 -8.26
CA LEU A 125 23.00 2.64 -9.32
C LEU A 125 23.67 3.90 -8.93
N GLY A 126 23.32 4.47 -7.78
CA GLY A 126 23.98 5.66 -7.26
C GLY A 126 23.58 6.96 -7.96
N VAL A 127 22.37 6.96 -8.51
CA VAL A 127 21.87 8.12 -9.23
C VAL A 127 20.74 8.80 -8.48
N GLY A 128 20.60 10.05 -8.84
CA GLY A 128 19.48 10.80 -8.36
C GLY A 128 18.74 11.20 -9.62
N GLY A 129 17.70 12.03 -9.52
CA GLY A 129 17.08 12.57 -10.69
C GLY A 129 15.81 13.27 -10.28
N GLU A 130 14.90 13.35 -11.22
CA GLU A 130 13.62 13.97 -11.05
C GLU A 130 12.62 12.93 -10.54
N LEU A 131 11.98 13.32 -9.45
CA LEU A 131 10.93 12.51 -8.84
C LEU A 131 9.71 12.62 -9.72
N ILE A 132 9.47 11.73 -10.67
CA ILE A 132 8.26 11.79 -11.51
C ILE A 132 6.98 11.53 -10.67
N CYS A 133 6.85 10.43 -9.92
CA CYS A 133 5.58 10.18 -9.21
C CYS A 133 5.75 9.26 -8.01
N GLU A 134 4.77 9.11 -7.13
CA GLU A 134 4.83 8.09 -6.09
C GLU A 134 3.60 7.23 -6.27
N VAL A 135 3.74 5.94 -5.94
CA VAL A 135 2.66 4.97 -6.09
C VAL A 135 2.78 3.80 -5.12
N TRP A 136 1.64 3.36 -4.63
CA TRP A 136 1.46 2.26 -3.70
C TRP A 136 -0.03 1.88 -3.80
N THR B 1 -14.43 -18.73 19.26
CA THR B 1 -14.35 -17.30 19.07
C THR B 1 -12.94 -17.11 18.48
N ASP B 2 -12.65 -16.06 17.70
CA ASP B 2 -11.26 -15.69 17.52
C ASP B 2 -11.33 -14.22 17.85
N PRO B 3 -10.89 -13.89 19.04
CA PRO B 3 -10.37 -12.62 19.41
C PRO B 3 -9.69 -11.68 18.41
N ILE B 4 -8.46 -12.00 18.06
CA ILE B 4 -7.68 -11.21 17.12
C ILE B 4 -8.45 -10.87 15.86
N ALA B 5 -9.11 -11.82 15.21
CA ALA B 5 -9.82 -11.48 14.00
C ALA B 5 -11.06 -10.65 14.22
N ASP B 6 -11.53 -10.51 15.45
CA ASP B 6 -12.64 -9.63 15.71
C ASP B 6 -12.03 -8.25 15.64
N MET B 7 -10.93 -8.04 16.36
CA MET B 7 -10.28 -6.75 16.39
C MET B 7 -9.91 -6.26 14.99
N LEU B 8 -9.34 -7.13 14.17
CA LEU B 8 -8.96 -6.72 12.83
C LEU B 8 -10.21 -6.37 12.03
N THR B 9 -11.22 -7.21 12.04
CA THR B 9 -12.45 -6.88 11.32
C THR B 9 -13.08 -5.59 11.81
N ARG B 10 -13.05 -5.30 13.10
CA ARG B 10 -13.60 -4.08 13.64
C ARG B 10 -12.78 -2.84 13.28
N ILE B 11 -11.48 -2.96 13.02
CA ILE B 11 -10.70 -1.82 12.58
C ILE B 11 -11.04 -1.62 11.10
N ARG B 12 -11.02 -2.65 10.26
CA ARG B 12 -11.37 -2.63 8.86
C ARG B 12 -12.73 -1.97 8.69
N ASN B 13 -13.76 -2.55 9.23
CA ASN B 13 -15.10 -1.95 9.16
C ASN B 13 -15.28 -0.54 9.70
N ALA B 14 -14.49 -0.06 10.68
CA ALA B 14 -14.68 1.29 11.19
C ALA B 14 -14.20 2.22 10.12
N THR B 15 -13.04 1.92 9.55
CA THR B 15 -12.51 2.80 8.53
C THR B 15 -13.40 2.80 7.30
N ARG B 16 -14.05 1.69 6.96
CA ARG B 16 -14.83 1.73 5.74
C ARG B 16 -16.02 2.63 5.93
N VAL B 17 -16.40 3.01 7.16
CA VAL B 17 -17.41 4.03 7.29
C VAL B 17 -16.85 5.32 7.94
N TYR B 18 -15.55 5.55 7.72
CA TYR B 18 -14.86 6.75 8.14
C TYR B 18 -15.13 7.12 9.60
N LYS B 19 -15.02 6.13 10.51
CA LYS B 19 -15.22 6.36 11.94
C LYS B 19 -13.97 7.01 12.56
N GLU B 20 -14.09 7.89 13.56
CA GLU B 20 -12.97 8.57 14.19
C GLU B 20 -12.28 7.56 15.11
N SER B 21 -13.01 6.65 15.78
CA SER B 21 -12.47 5.62 16.66
C SER B 21 -13.36 4.37 16.71
N THR B 22 -12.84 3.22 17.20
CA THR B 22 -13.57 1.97 17.35
C THR B 22 -12.99 1.31 18.61
N ASP B 23 -13.81 0.64 19.40
CA ASP B 23 -13.30 0.03 20.63
C ASP B 23 -13.30 -1.48 20.58
N VAL B 24 -12.17 -2.00 21.02
CA VAL B 24 -11.94 -3.43 21.08
C VAL B 24 -11.66 -3.76 22.56
N PRO B 25 -12.32 -4.77 23.21
CA PRO B 25 -11.93 -5.36 24.47
C PRO B 25 -10.42 -5.54 24.63
N ALA B 26 -9.87 -4.91 25.65
CA ALA B 26 -8.44 -4.84 25.87
C ALA B 26 -7.72 -6.17 26.09
N SER B 27 -6.39 -6.25 26.00
CA SER B 27 -5.65 -7.49 26.15
C SER B 27 -4.19 -7.14 25.96
N ARG B 28 -3.23 -7.78 26.64
CA ARG B 28 -1.81 -7.49 26.47
C ARG B 28 -1.38 -7.59 24.99
N PHE B 29 -1.90 -8.65 24.35
CA PHE B 29 -1.56 -9.00 22.98
C PHE B 29 -2.13 -7.95 22.04
N LYS B 30 -3.40 -7.58 22.24
CA LYS B 30 -4.04 -6.56 21.43
C LYS B 30 -3.27 -5.27 21.51
N GLU B 31 -2.78 -4.94 22.72
CA GLU B 31 -1.91 -3.80 22.87
C GLU B 31 -0.68 -3.95 22.04
N GLU B 32 -0.14 -5.14 21.95
CA GLU B 32 1.05 -5.36 21.17
C GLU B 32 0.76 -5.11 19.71
N ILE B 33 -0.31 -5.68 19.16
CA ILE B 33 -0.55 -5.55 17.73
C ILE B 33 -0.85 -4.08 17.46
N LEU B 34 -1.70 -3.41 18.24
CA LEU B 34 -1.88 -1.99 18.04
C LEU B 34 -0.58 -1.19 18.20
N ARG B 35 0.29 -1.46 19.16
CA ARG B 35 1.58 -0.80 19.36
C ARG B 35 2.33 -0.84 18.01
N ILE B 36 2.36 -2.00 17.36
CA ILE B 36 3.00 -2.15 16.07
C ILE B 36 2.17 -1.41 14.99
N LEU B 37 0.83 -1.60 14.84
CA LEU B 37 0.03 -0.96 13.79
C LEU B 37 0.15 0.56 13.79
N ALA B 38 0.13 1.18 14.99
CA ALA B 38 0.25 2.63 15.13
C ALA B 38 1.66 3.04 14.73
N ARG B 39 2.71 2.32 15.13
CA ARG B 39 4.04 2.75 14.84
C ARG B 39 4.40 2.63 13.38
N GLU B 40 3.78 1.71 12.63
CA GLU B 40 4.08 1.62 11.23
C GLU B 40 3.11 2.52 10.47
N GLY B 41 2.41 3.40 11.20
CA GLY B 41 1.51 4.40 10.66
C GLY B 41 0.07 3.97 10.37
N PHE B 42 -0.42 2.74 10.54
CA PHE B 42 -1.78 2.38 10.11
C PHE B 42 -2.91 2.82 11.02
N ILE B 43 -2.67 3.28 12.25
CA ILE B 43 -3.71 3.85 13.14
C ILE B 43 -3.04 5.04 13.80
N LYS B 44 -3.85 5.99 14.28
CA LYS B 44 -3.39 7.17 14.99
C LYS B 44 -2.76 6.75 16.29
N GLY B 45 -3.55 5.97 17.06
CA GLY B 45 -3.11 5.45 18.35
C GLY B 45 -4.27 4.78 19.07
N TYR B 46 -4.04 4.51 20.33
CA TYR B 46 -5.04 3.89 21.15
C TYR B 46 -4.87 4.41 22.57
N GLU B 47 -5.93 4.24 23.33
CA GLU B 47 -5.93 4.54 24.74
C GLU B 47 -6.57 3.30 25.29
N ARG B 48 -6.04 2.73 26.36
CA ARG B 48 -6.77 1.70 27.09
C ARG B 48 -7.95 2.51 27.67
N VAL B 49 -9.21 2.18 27.47
CA VAL B 49 -10.31 2.93 28.04
C VAL B 49 -11.07 1.88 28.80
N ASP B 50 -11.28 1.99 30.11
CA ASP B 50 -12.14 1.02 30.75
C ASP B 50 -13.53 1.59 30.57
N VAL B 51 -14.49 0.88 29.98
CA VAL B 51 -15.82 1.44 30.00
C VAL B 51 -16.63 0.30 30.58
N ASP B 52 -16.97 0.75 31.78
CA ASP B 52 -17.68 0.05 32.83
C ASP B 52 -17.01 -1.20 33.34
N GLY B 53 -15.83 -0.91 33.92
CA GLY B 53 -15.03 -1.94 34.58
C GLY B 53 -14.22 -2.73 33.57
N LYS B 54 -14.92 -3.26 32.56
CA LYS B 54 -14.36 -4.00 31.43
C LYS B 54 -13.39 -3.09 30.69
N PRO B 55 -12.10 -3.45 30.50
CA PRO B 55 -11.14 -2.69 29.71
C PRO B 55 -11.40 -2.82 28.21
N TYR B 56 -11.21 -1.68 27.57
CA TYR B 56 -11.39 -1.52 26.16
C TYR B 56 -10.15 -0.81 25.69
N LEU B 57 -9.96 -0.82 24.37
CA LEU B 57 -8.85 -0.19 23.73
C LEU B 57 -9.57 0.63 22.69
N ARG B 58 -9.29 1.93 22.75
CA ARG B 58 -9.90 2.91 21.89
C ARG B 58 -8.86 3.23 20.84
N VAL B 59 -9.06 2.58 19.71
CA VAL B 59 -8.22 2.69 18.53
C VAL B 59 -8.62 4.01 17.88
N TYR B 60 -7.69 4.85 17.49
CA TYR B 60 -8.02 6.11 16.88
C TYR B 60 -7.57 5.92 15.47
N LEU B 61 -8.52 5.81 14.56
CA LEU B 61 -8.19 5.50 13.20
C LEU B 61 -7.58 6.68 12.43
N LYS B 62 -6.70 6.29 11.50
CA LYS B 62 -6.01 7.24 10.64
C LYS B 62 -6.49 7.12 9.19
N TYR B 63 -6.68 8.32 8.63
CA TYR B 63 -7.12 8.49 7.24
C TYR B 63 -6.23 9.52 6.56
N GLY B 64 -5.94 9.34 5.30
CA GLY B 64 -5.08 10.29 4.61
C GLY B 64 -5.85 11.44 3.96
N PRO B 65 -5.24 12.00 2.89
CA PRO B 65 -5.59 13.30 2.31
C PRO B 65 -6.88 13.17 1.54
N ARG B 66 -7.67 14.22 1.36
CA ARG B 66 -8.87 14.06 0.54
C ARG B 66 -8.38 13.81 -0.85
N ARG B 67 -9.33 13.37 -1.65
CA ARG B 67 -8.99 12.97 -2.99
C ARG B 67 -9.00 14.18 -3.94
N GLN B 68 -8.53 13.92 -5.13
CA GLN B 68 -8.37 14.94 -6.19
C GLN B 68 -9.69 15.15 -6.95
N GLY B 69 -10.27 16.29 -6.62
CA GLY B 69 -11.58 16.72 -7.16
C GLY B 69 -12.62 16.57 -6.05
N PRO B 70 -13.74 17.30 -6.06
CA PRO B 70 -14.73 17.19 -5.01
C PRO B 70 -15.32 15.78 -4.84
N ASP B 71 -14.51 14.97 -4.15
CA ASP B 71 -14.85 13.60 -3.62
C ASP B 71 -14.51 13.81 -2.16
N PRO B 72 -15.52 13.74 -1.29
CA PRO B 72 -15.34 14.10 0.11
C PRO B 72 -14.59 13.03 0.90
N ARG B 73 -14.48 11.79 0.36
CA ARG B 73 -13.88 10.70 1.11
C ARG B 73 -12.40 10.89 1.17
N PRO B 74 -11.77 10.78 2.34
CA PRO B 74 -10.35 10.71 2.48
C PRO B 74 -10.00 9.41 1.87
N GLU B 75 -8.75 9.45 1.56
CA GLU B 75 -8.07 8.29 1.11
C GLU B 75 -7.79 7.56 2.43
N GLN B 76 -7.78 6.25 2.36
CA GLN B 76 -7.50 5.36 3.47
C GLN B 76 -6.04 5.09 3.73
N VAL B 77 -5.74 4.71 4.96
CA VAL B 77 -4.39 4.22 5.21
C VAL B 77 -4.39 2.71 5.31
N ILE B 78 -5.44 2.08 5.88
CA ILE B 78 -5.51 0.63 6.01
C ILE B 78 -6.22 0.26 4.74
N HIS B 79 -5.52 -0.40 3.85
CA HIS B 79 -6.18 -0.80 2.62
C HIS B 79 -6.41 -2.30 2.70
N HIS B 80 -5.59 -3.08 3.41
CA HIS B 80 -5.80 -4.50 3.55
C HIS B 80 -5.36 -5.01 4.90
N ILE B 81 -6.15 -5.78 5.67
CA ILE B 81 -5.70 -6.34 6.94
C ILE B 81 -6.41 -7.68 7.05
N ARG B 82 -5.66 -8.77 7.13
CA ARG B 82 -6.28 -10.08 7.37
C ARG B 82 -5.36 -11.06 8.09
N ARG B 83 -6.06 -11.69 9.04
CA ARG B 83 -5.67 -12.78 9.95
C ARG B 83 -5.16 -13.90 9.06
N ILE B 84 -3.99 -14.45 9.26
CA ILE B 84 -3.57 -15.56 8.44
C ILE B 84 -3.71 -16.82 9.32
N SER B 85 -2.98 -16.87 10.44
CA SER B 85 -3.05 -17.98 11.36
C SER B 85 -4.38 -17.92 12.04
N LYS B 86 -5.30 -18.78 11.65
CA LYS B 86 -6.58 -18.89 12.34
C LYS B 86 -6.34 -19.80 13.53
N PRO B 87 -7.23 -19.99 14.49
CA PRO B 87 -7.24 -21.10 15.42
C PRO B 87 -7.67 -22.42 14.79
N GLY B 88 -7.01 -23.55 15.04
CA GLY B 88 -7.37 -24.81 14.40
C GLY B 88 -6.79 -24.89 12.98
N ARG B 89 -6.00 -23.85 12.61
CA ARG B 89 -5.34 -23.68 11.32
C ARG B 89 -4.30 -22.57 11.55
N ARG B 90 -3.32 -22.95 12.38
CA ARG B 90 -2.20 -22.15 12.88
C ARG B 90 -1.02 -22.09 11.95
N VAL B 91 -0.41 -20.95 11.72
CA VAL B 91 0.72 -20.97 10.82
C VAL B 91 1.90 -20.41 11.55
N TYR B 92 2.97 -21.17 11.46
CA TYR B 92 4.20 -20.79 12.09
C TYR B 92 5.21 -20.74 10.97
N VAL B 93 6.11 -19.75 10.89
CA VAL B 93 7.16 -19.68 9.91
C VAL B 93 8.49 -19.55 10.66
N GLY B 94 9.48 -20.33 10.26
CA GLY B 94 10.78 -20.21 10.90
C GLY B 94 11.63 -19.28 10.05
N VAL B 95 12.08 -18.15 10.61
CA VAL B 95 12.90 -17.11 9.97
C VAL B 95 13.16 -17.02 8.46
N LYS B 96 13.70 -18.03 7.79
CA LYS B 96 13.97 -17.94 6.37
C LYS B 96 12.67 -18.10 5.58
N GLU B 97 11.65 -18.71 6.21
CA GLU B 97 10.33 -18.85 5.63
C GLU B 97 9.41 -17.67 6.01
N ILE B 98 9.91 -16.59 6.64
CA ILE B 98 9.08 -15.42 6.88
C ILE B 98 8.84 -14.86 5.47
N PRO B 99 7.58 -14.73 5.03
CA PRO B 99 7.27 -14.19 3.72
C PRO B 99 7.38 -12.67 3.67
N ARG B 100 7.47 -12.24 2.42
CA ARG B 100 7.58 -10.85 2.05
C ARG B 100 6.16 -10.56 1.66
N VAL B 101 5.50 -9.61 2.30
CA VAL B 101 4.12 -9.33 1.95
C VAL B 101 4.04 -8.21 0.91
N ARG B 102 3.23 -8.50 -0.12
CA ARG B 102 2.92 -7.64 -1.26
C ARG B 102 4.23 -7.11 -1.81
N ARG B 103 5.09 -8.00 -2.30
CA ARG B 103 6.37 -7.64 -2.91
C ARG B 103 7.35 -6.91 -2.02
N GLY B 104 6.97 -6.54 -0.80
CA GLY B 104 7.81 -5.75 0.10
C GLY B 104 7.16 -4.41 0.45
N LEU B 105 5.88 -4.24 0.07
CA LEU B 105 5.13 -3.03 0.18
C LEU B 105 3.92 -3.30 1.06
N GLY B 106 4.07 -4.13 2.08
CA GLY B 106 3.03 -4.50 3.04
C GLY B 106 3.79 -5.09 4.22
N ILE B 107 3.22 -5.20 5.43
CA ILE B 107 3.93 -5.87 6.51
C ILE B 107 3.22 -7.14 6.95
N ALA B 108 3.96 -8.12 7.44
CA ALA B 108 3.32 -9.22 8.17
C ALA B 108 3.61 -8.94 9.64
N ILE B 109 2.77 -9.38 10.58
CA ILE B 109 3.05 -9.21 12.00
C ILE B 109 3.12 -10.61 12.64
N LEU B 110 4.29 -10.99 13.15
CA LEU B 110 4.58 -12.28 13.79
C LEU B 110 4.44 -12.23 15.30
N SER B 111 4.19 -13.39 15.88
CA SER B 111 4.22 -13.52 17.32
C SER B 111 5.43 -14.41 17.47
N THR B 112 6.43 -14.03 18.25
CA THR B 112 7.62 -14.83 18.42
C THR B 112 8.07 -14.73 19.87
N SER B 113 9.15 -15.49 20.08
CA SER B 113 9.89 -15.58 21.33
C SER B 113 10.37 -14.21 21.74
N LYS B 114 10.86 -13.50 20.73
CA LYS B 114 11.36 -12.16 20.91
C LYS B 114 10.25 -11.12 20.89
N GLY B 115 9.01 -11.47 21.22
CA GLY B 115 7.95 -10.50 21.27
C GLY B 115 7.15 -10.51 20.00
N VAL B 116 6.44 -9.40 19.81
CA VAL B 116 5.53 -9.27 18.70
C VAL B 116 6.31 -8.40 17.71
N LEU B 117 6.50 -8.90 16.51
CA LEU B 117 7.41 -8.27 15.59
C LEU B 117 6.88 -8.16 14.21
N THR B 118 7.22 -7.09 13.51
CA THR B 118 6.82 -6.98 12.12
C THR B 118 7.75 -7.88 11.33
N ASP B 119 7.47 -8.33 10.14
CA ASP B 119 8.39 -9.25 9.45
C ASP B 119 9.87 -8.85 9.35
N ARG B 120 10.26 -7.57 9.13
CA ARG B 120 11.67 -7.19 9.00
C ARG B 120 12.36 -7.21 10.36
N GLU B 121 11.60 -6.91 11.39
CA GLU B 121 12.07 -6.92 12.77
C GLU B 121 12.35 -8.40 13.01
N ALA B 122 11.47 -9.36 12.69
CA ALA B 122 11.70 -10.79 12.93
C ALA B 122 12.88 -11.29 12.15
N ARG B 123 13.07 -10.86 10.91
CA ARG B 123 14.25 -11.24 10.16
C ARG B 123 15.52 -10.65 10.76
N LYS B 124 15.48 -9.40 11.25
CA LYS B 124 16.64 -8.75 11.83
C LYS B 124 16.98 -9.42 13.15
N LEU B 125 16.00 -9.65 14.02
CA LEU B 125 16.25 -10.42 15.21
C LEU B 125 16.42 -11.88 14.83
N GLY B 126 16.36 -12.26 13.54
CA GLY B 126 16.52 -13.63 13.10
C GLY B 126 15.44 -14.52 13.69
N VAL B 127 14.34 -14.04 14.29
CA VAL B 127 13.33 -14.92 14.89
C VAL B 127 12.33 -15.48 13.91
N GLY B 128 11.68 -16.53 14.38
CA GLY B 128 10.58 -17.15 13.71
C GLY B 128 9.44 -17.05 14.72
N GLY B 129 8.21 -17.27 14.23
CA GLY B 129 7.01 -17.19 15.05
C GLY B 129 5.78 -17.61 14.26
N GLU B 130 4.61 -17.28 14.77
CA GLU B 130 3.32 -17.59 14.15
C GLU B 130 2.85 -16.44 13.24
N LEU B 131 2.28 -16.65 12.06
CA LEU B 131 1.88 -15.51 11.26
C LEU B 131 0.48 -14.98 11.59
N ILE B 132 0.39 -13.96 12.49
CA ILE B 132 -0.86 -13.34 12.95
C ILE B 132 -1.70 -12.73 11.81
N CYS B 133 -1.19 -11.77 11.06
CA CYS B 133 -1.95 -11.11 10.02
C CYS B 133 -0.99 -10.39 9.10
N GLU B 134 -1.52 -9.97 7.95
CA GLU B 134 -0.78 -9.19 6.97
C GLU B 134 -1.49 -7.83 6.77
N VAL B 135 -0.77 -6.73 6.57
CA VAL B 135 -1.41 -5.43 6.40
C VAL B 135 -0.54 -4.50 5.55
N TRP B 136 -1.29 -3.90 4.64
CA TRP B 136 -0.80 -2.93 3.69
C TRP B 136 -1.90 -1.91 3.33
#